data_1NZL
#
_entry.id   1NZL
#
_cell.length_a   100.321
_cell.length_b   68.455
_cell.length_c   29.732
_cell.angle_alpha   90.00
_cell.angle_beta   90.00
_cell.angle_gamma   90.00
#
_symmetry.space_group_name_H-M   'P 21 21 2'
#
loop_
_entity.id
_entity.type
_entity.pdbx_description
1 polymer 'Tyrosine-protein kinase transforming protein SRC'
2 polymer 'Doubly phosphorylated peptide ligand (PQpYEpYIPI)'
3 non-polymer 'CHLORIDE ION'
4 non-polymer 'TETRAETHYLENE GLYCOL'
5 water water
#
loop_
_entity_poly.entity_id
_entity_poly.type
_entity_poly.pdbx_seq_one_letter_code
_entity_poly.pdbx_strand_id
1 'polypeptide(L)'
;AEEWYFGKITRRESERLLLNPENPRGTFLVRESETTKGAYCLSVSDFDNAKGLNVKHYKIRKLDSGGFYITSRTQFSSLQ
QLVAYYSKHADGLCHRLTNVCPT
;
A,B
2 'polypeptide(L)' PQ(PTR)E(PTR)IPA C
#
# COMPACT_ATOMS: atom_id res chain seq x y z
N ALA A 1 -21.99 1.88 14.92
CA ALA A 1 -23.12 0.99 15.32
C ALA A 1 -22.64 -0.22 16.11
N GLU A 2 -23.47 -1.25 16.13
CA GLU A 2 -23.17 -2.47 16.87
C GLU A 2 -23.28 -3.71 15.98
N GLU A 3 -24.14 -3.62 14.97
CA GLU A 3 -24.41 -4.72 14.03
C GLU A 3 -23.21 -5.30 13.27
N TRP A 4 -22.27 -4.45 12.88
CA TRP A 4 -21.10 -4.91 12.13
C TRP A 4 -19.94 -5.33 13.03
N TYR A 5 -20.11 -5.21 14.34
CA TYR A 5 -19.06 -5.59 15.29
C TYR A 5 -19.30 -7.02 15.76
N PHE A 6 -18.47 -7.94 15.27
CA PHE A 6 -18.59 -9.36 15.60
C PHE A 6 -17.72 -9.80 16.79
N GLY A 7 -17.10 -8.83 17.45
CA GLY A 7 -16.27 -9.11 18.62
C GLY A 7 -15.13 -10.11 18.48
N LYS A 8 -15.12 -11.10 19.36
CA LYS A 8 -14.07 -12.12 19.36
C LYS A 8 -14.38 -13.31 18.46
N ILE A 9 -14.29 -13.08 17.16
CA ILE A 9 -14.50 -14.14 16.18
C ILE A 9 -13.12 -14.34 15.55
N THR A 10 -12.81 -15.55 15.13
CA THR A 10 -11.50 -15.82 14.55
C THR A 10 -11.42 -15.41 13.08
N ARG A 11 -10.20 -15.41 12.53
CA ARG A 11 -9.99 -15.03 11.14
C ARG A 11 -10.69 -16.01 10.19
N ARG A 12 -10.57 -17.31 10.49
CA ARG A 12 -11.20 -18.34 9.66
C ARG A 12 -12.72 -18.34 9.77
N GLU A 13 -13.25 -18.00 10.95
CA GLU A 13 -14.70 -17.95 11.16
C GLU A 13 -15.27 -16.76 10.40
N SER A 14 -14.52 -15.66 10.37
CA SER A 14 -14.94 -14.45 9.65
C SER A 14 -14.93 -14.68 8.14
N GLU A 15 -13.97 -15.48 7.68
CA GLU A 15 -13.86 -15.81 6.26
C GLU A 15 -15.01 -16.72 5.81
N ARG A 16 -15.39 -17.66 6.67
CA ARG A 16 -16.48 -18.59 6.36
C ARG A 16 -17.79 -17.80 6.18
N LEU A 17 -17.97 -16.77 7.01
CA LEU A 17 -19.15 -15.92 6.95
C LEU A 17 -19.12 -14.99 5.73
N LEU A 18 -17.96 -14.40 5.46
CA LEU A 18 -17.82 -13.47 4.33
C LEU A 18 -17.80 -14.14 2.97
N LEU A 19 -17.48 -15.43 2.93
CA LEU A 19 -17.44 -16.18 1.67
C LEU A 19 -18.83 -16.57 1.18
N ASN A 20 -19.87 -16.20 1.93
CA ASN A 20 -21.28 -16.46 1.57
C ASN A 20 -21.49 -15.90 0.16
N PRO A 21 -21.93 -16.73 -0.80
CA PRO A 21 -22.18 -16.36 -2.20
C PRO A 21 -23.27 -15.31 -2.43
N GLU A 22 -24.14 -15.11 -1.45
CA GLU A 22 -25.19 -14.10 -1.57
C GLU A 22 -24.67 -12.74 -1.13
N ASN A 23 -23.44 -12.72 -0.61
CA ASN A 23 -22.82 -11.48 -0.16
C ASN A 23 -22.32 -10.62 -1.31
N PRO A 24 -22.75 -9.35 -1.38
CA PRO A 24 -22.31 -8.45 -2.45
C PRO A 24 -20.83 -8.16 -2.20
N ARG A 25 -20.10 -7.73 -3.23
CA ARG A 25 -18.70 -7.39 -3.05
C ARG A 25 -18.66 -6.21 -2.08
N GLY A 26 -17.76 -6.26 -1.10
CA GLY A 26 -17.70 -5.19 -0.12
C GLY A 26 -18.43 -5.49 1.18
N THR A 27 -18.92 -6.72 1.35
CA THR A 27 -19.62 -7.10 2.59
C THR A 27 -18.53 -7.14 3.67
N PHE A 28 -18.86 -6.74 4.89
CA PHE A 28 -17.84 -6.69 5.93
C PHE A 28 -18.31 -6.90 7.36
N LEU A 29 -17.31 -6.95 8.24
CA LEU A 29 -17.51 -7.09 9.67
C LEU A 29 -16.25 -6.56 10.34
N VAL A 30 -16.36 -6.17 11.60
CA VAL A 30 -15.21 -5.69 12.36
C VAL A 30 -15.08 -6.66 13.52
N ARG A 31 -13.85 -7.02 13.85
CA ARG A 31 -13.59 -7.96 14.94
C ARG A 31 -12.36 -7.56 15.73
N GLU A 32 -12.10 -8.26 16.83
CA GLU A 32 -10.92 -8.00 17.66
C GLU A 32 -9.72 -8.65 17.00
N SER A 33 -8.56 -8.01 17.13
CA SER A 33 -7.30 -8.52 16.56
C SER A 33 -6.93 -9.85 17.21
N GLU A 34 -6.69 -10.86 16.37
CA GLU A 34 -6.33 -12.19 16.84
C GLU A 34 -4.83 -12.31 17.06
N THR A 35 -4.05 -11.53 16.32
CA THR A 35 -2.59 -11.55 16.44
C THR A 35 -2.06 -10.42 17.32
N GLY A 38 -5.07 -4.74 21.84
CA GLY A 38 -6.38 -4.13 21.82
C GLY A 38 -6.70 -3.47 20.49
N ALA A 39 -6.26 -4.10 19.40
CA ALA A 39 -6.51 -3.57 18.07
C ALA A 39 -7.70 -4.29 17.42
N TYR A 40 -8.18 -3.75 16.31
CA TYR A 40 -9.31 -4.35 15.61
C TYR A 40 -8.96 -4.72 14.18
N CYS A 41 -9.87 -5.42 13.53
CA CYS A 41 -9.67 -5.84 12.15
C CYS A 41 -10.93 -5.69 11.32
N LEU A 42 -10.78 -5.12 10.13
CA LEU A 42 -11.89 -4.96 9.21
C LEU A 42 -11.71 -6.04 8.14
N SER A 43 -12.66 -6.97 8.05
CA SER A 43 -12.58 -8.04 7.06
C SER A 43 -13.65 -7.75 6.00
N VAL A 44 -13.24 -7.74 4.73
CA VAL A 44 -14.13 -7.40 3.62
C VAL A 44 -14.13 -8.44 2.50
N SER A 45 -15.30 -8.71 1.91
CA SER A 45 -15.40 -9.68 0.82
C SER A 45 -14.96 -9.02 -0.49
N ASP A 46 -14.40 -9.81 -1.40
CA ASP A 46 -13.90 -9.27 -2.66
C ASP A 46 -14.02 -10.37 -3.72
N PHE A 47 -13.66 -10.05 -4.96
CA PHE A 47 -13.71 -11.01 -6.05
C PHE A 47 -12.67 -10.70 -7.12
N ASP A 48 -12.14 -11.76 -7.71
CA ASP A 48 -11.21 -11.67 -8.83
C ASP A 48 -11.32 -13.04 -9.50
N ASN A 49 -10.85 -13.17 -10.73
CA ASN A 49 -10.97 -14.45 -11.44
C ASN A 49 -10.10 -15.58 -10.89
N ALA A 50 -8.92 -15.23 -10.37
CA ALA A 50 -7.98 -16.22 -9.83
C ALA A 50 -8.45 -16.86 -8.53
N LYS A 51 -8.92 -16.04 -7.60
CA LYS A 51 -9.35 -16.52 -6.30
C LYS A 51 -10.85 -16.79 -6.23
N GLY A 52 -11.61 -16.06 -7.04
CA GLY A 52 -13.05 -16.16 -6.99
C GLY A 52 -13.43 -15.28 -5.82
N LEU A 53 -14.36 -15.73 -4.98
CA LEU A 53 -14.74 -14.94 -3.81
C LEU A 53 -13.61 -15.07 -2.80
N ASN A 54 -13.19 -13.96 -2.21
CA ASN A 54 -12.12 -13.99 -1.23
C ASN A 54 -12.29 -12.91 -0.17
N VAL A 55 -11.49 -12.98 0.88
CA VAL A 55 -11.58 -12.02 1.96
C VAL A 55 -10.28 -11.28 2.21
N LYS A 56 -10.39 -9.96 2.36
CA LYS A 56 -9.24 -9.11 2.65
C LYS A 56 -9.35 -8.72 4.11
N HIS A 57 -8.22 -8.68 4.82
CA HIS A 57 -8.20 -8.32 6.23
C HIS A 57 -7.35 -7.08 6.42
N TYR A 58 -7.94 -6.06 7.03
CA TYR A 58 -7.25 -4.80 7.29
C TYR A 58 -7.11 -4.58 8.79
N LYS A 59 -5.88 -4.32 9.24
CA LYS A 59 -5.64 -4.10 10.66
C LYS A 59 -5.97 -2.66 11.01
N ILE A 60 -6.79 -2.48 12.04
CA ILE A 60 -7.17 -1.14 12.49
C ILE A 60 -6.25 -0.78 13.65
N ARG A 61 -5.33 0.14 13.37
CA ARG A 61 -4.35 0.57 14.36
C ARG A 61 -4.82 1.79 15.15
N LYS A 62 -4.11 2.08 16.24
CA LYS A 62 -4.44 3.20 17.09
C LYS A 62 -3.27 4.16 17.21
N LEU A 63 -3.54 5.45 17.13
CA LEU A 63 -2.51 6.46 17.27
C LEU A 63 -2.26 6.63 18.76
N ASP A 64 -1.05 7.05 19.12
CA ASP A 64 -0.69 7.24 20.53
C ASP A 64 -1.48 8.40 21.13
N SER A 65 -2.06 9.22 20.27
CA SER A 65 -2.87 10.36 20.68
C SER A 65 -4.36 10.01 20.74
N GLY A 66 -4.69 8.79 20.32
CA GLY A 66 -6.08 8.36 20.34
C GLY A 66 -6.84 8.54 19.04
N GLY A 67 -6.49 7.74 18.03
CA GLY A 67 -7.15 7.83 16.75
C GLY A 67 -7.06 6.51 15.99
N PHE A 68 -8.20 6.04 15.48
CA PHE A 68 -8.24 4.78 14.72
C PHE A 68 -7.86 4.99 13.25
N TYR A 69 -7.06 4.08 12.71
CA TYR A 69 -6.65 4.20 11.32
C TYR A 69 -6.19 2.89 10.70
N ILE A 70 -6.24 2.84 9.37
CA ILE A 70 -5.81 1.67 8.61
C ILE A 70 -4.69 2.14 7.67
N THR A 71 -4.89 3.32 7.08
CA THR A 71 -3.90 3.90 6.17
C THR A 71 -3.12 5.01 6.89
N SER A 72 -2.10 5.57 6.22
CA SER A 72 -1.28 6.62 6.82
C SER A 72 -1.58 8.04 6.38
N ARG A 73 -2.84 8.45 6.48
CA ARG A 73 -3.24 9.79 6.09
C ARG A 73 -4.71 10.04 6.46
N THR A 74 -5.32 9.08 7.16
CA THR A 74 -6.71 9.18 7.56
C THR A 74 -6.91 8.54 8.94
N GLN A 75 -7.48 9.31 9.87
CA GLN A 75 -7.74 8.81 11.22
C GLN A 75 -9.18 9.10 11.62
N PHE A 76 -9.69 8.34 12.60
CA PHE A 76 -11.06 8.50 13.07
C PHE A 76 -11.13 8.45 14.58
N SER A 77 -12.12 9.14 15.15
CA SER A 77 -12.31 9.19 16.60
C SER A 77 -12.97 7.94 17.16
N SER A 78 -13.56 7.14 16.26
CA SER A 78 -14.24 5.92 16.66
C SER A 78 -14.26 4.93 15.51
N LEU A 79 -14.69 3.69 15.81
CA LEU A 79 -14.78 2.65 14.78
C LEU A 79 -15.99 2.88 13.89
N GLN A 80 -17.03 3.52 14.46
CA GLN A 80 -18.24 3.82 13.71
C GLN A 80 -17.95 4.85 12.62
N GLN A 81 -17.10 5.82 12.95
CA GLN A 81 -16.70 6.87 12.01
C GLN A 81 -15.83 6.27 10.89
N LEU A 82 -15.01 5.29 11.24
CA LEU A 82 -14.13 4.61 10.27
C LEU A 82 -15.00 3.84 9.27
N VAL A 83 -16.00 3.13 9.80
CA VAL A 83 -16.92 2.34 8.99
C VAL A 83 -17.78 3.24 8.10
N ALA A 84 -18.19 4.39 8.61
CA ALA A 84 -19.00 5.33 7.84
C ALA A 84 -18.19 5.88 6.67
N TYR A 85 -16.91 6.14 6.92
CA TYR A 85 -16.00 6.68 5.92
C TYR A 85 -15.76 5.71 4.77
N TYR A 86 -15.39 4.48 5.12
CA TYR A 86 -15.11 3.46 4.12
C TYR A 86 -16.32 2.89 3.40
N SER A 87 -17.52 3.24 3.87
CA SER A 87 -18.74 2.80 3.21
C SER A 87 -19.03 3.81 2.08
N LYS A 88 -18.39 4.98 2.15
CA LYS A 88 -18.58 6.01 1.13
C LYS A 88 -17.40 6.08 0.16
N HIS A 89 -16.20 5.81 0.67
CA HIS A 89 -14.98 5.85 -0.14
C HIS A 89 -14.13 4.61 0.10
N ALA A 90 -13.60 4.02 -0.97
CA ALA A 90 -12.73 2.85 -0.83
C ALA A 90 -11.39 3.36 -0.28
N ASP A 91 -10.89 4.43 -0.90
CA ASP A 91 -9.65 5.12 -0.52
C ASP A 91 -8.50 4.21 -0.01
N GLY A 92 -8.09 3.27 -0.84
CA GLY A 92 -7.01 2.39 -0.44
C GLY A 92 -7.45 0.96 -0.16
N LEU A 93 -8.72 0.79 0.18
CA LEU A 93 -9.27 -0.54 0.45
C LEU A 93 -9.58 -1.24 -0.87
N CYS A 94 -9.70 -2.57 -0.84
CA CYS A 94 -9.99 -3.35 -2.05
C CYS A 94 -11.31 -2.96 -2.70
N HIS A 95 -12.27 -2.61 -1.86
CA HIS A 95 -13.60 -2.21 -2.29
C HIS A 95 -14.20 -1.45 -1.12
N ARG A 96 -15.16 -0.56 -1.39
CA ARG A 96 -15.80 0.20 -0.32
C ARG A 96 -16.74 -0.73 0.44
N LEU A 97 -17.11 -0.36 1.66
CA LEU A 97 -18.00 -1.19 2.47
C LEU A 97 -19.43 -1.02 1.95
N THR A 98 -20.06 -2.13 1.64
CA THR A 98 -21.41 -2.10 1.06
C THR A 98 -22.52 -2.81 1.82
N ASN A 99 -22.16 -3.76 2.65
CA ASN A 99 -23.15 -4.57 3.32
C ASN A 99 -22.58 -5.18 4.61
N VAL A 100 -23.38 -5.20 5.68
CA VAL A 100 -22.94 -5.78 6.95
C VAL A 100 -23.07 -7.30 6.77
N CYS A 101 -22.03 -8.04 7.14
CA CYS A 101 -22.04 -9.50 6.98
C CYS A 101 -23.19 -10.22 7.69
N PRO A 102 -23.99 -10.96 6.92
CA PRO A 102 -25.14 -11.73 7.42
C PRO A 102 -24.76 -12.89 8.33
N THR A 103 -25.70 -13.24 9.20
CA THR A 103 -25.62 -14.33 10.17
C THR A 103 -24.44 -14.29 11.16
N ALA B 1 8.00 17.41 -8.99
CA ALA B 1 7.45 17.70 -7.64
C ALA B 1 8.55 17.66 -6.58
N GLU B 2 8.14 17.82 -5.32
CA GLU B 2 9.07 17.84 -4.21
C GLU B 2 8.75 16.78 -3.15
N GLU B 3 7.47 16.46 -2.99
CA GLU B 3 7.00 15.50 -1.98
C GLU B 3 7.67 14.12 -1.96
N TRP B 4 7.94 13.57 -3.14
CA TRP B 4 8.57 12.25 -3.22
C TRP B 4 10.10 12.28 -3.25
N TYR B 5 10.69 13.48 -3.27
CA TYR B 5 12.14 13.58 -3.30
C TYR B 5 12.70 13.68 -1.88
N PHE B 6 13.51 12.71 -1.49
CA PHE B 6 14.09 12.68 -0.14
C PHE B 6 15.57 13.01 -0.05
N GLY B 7 16.13 13.51 -1.15
CA GLY B 7 17.53 13.89 -1.18
C GLY B 7 18.61 12.88 -0.83
N LYS B 8 19.49 13.26 0.10
CA LYS B 8 20.60 12.40 0.51
C LYS B 8 20.30 11.37 1.58
N ILE B 9 19.04 10.92 1.66
CA ILE B 9 18.65 9.90 2.63
C ILE B 9 19.40 8.61 2.31
N THR B 10 19.78 7.84 3.33
CA THR B 10 20.51 6.60 3.10
C THR B 10 19.59 5.51 2.58
N ARG B 11 20.18 4.42 2.12
CA ARG B 11 19.43 3.27 1.63
C ARG B 11 18.68 2.66 2.82
N ARG B 12 19.40 2.50 3.94
CA ARG B 12 18.83 1.94 5.16
C ARG B 12 17.68 2.78 5.69
N GLU B 13 17.83 4.11 5.59
CA GLU B 13 16.81 5.03 6.06
C GLU B 13 15.57 4.99 5.16
N SER B 14 15.79 4.79 3.86
CA SER B 14 14.67 4.74 2.91
C SER B 14 13.86 3.47 3.11
N GLU B 15 14.54 2.39 3.49
CA GLU B 15 13.85 1.12 3.72
C GLU B 15 13.03 1.18 5.01
N ARG B 16 13.53 1.95 5.99
CA ARG B 16 12.85 2.13 7.28
C ARG B 16 11.52 2.84 7.04
N LEU B 17 11.53 3.87 6.20
CA LEU B 17 10.34 4.64 5.86
C LEU B 17 9.37 3.86 4.98
N LEU B 18 9.90 3.23 3.95
CA LEU B 18 9.08 2.46 3.00
C LEU B 18 8.51 1.15 3.53
N LEU B 19 9.23 0.47 4.41
CA LEU B 19 8.78 -0.82 4.94
C LEU B 19 7.68 -0.80 5.99
N ASN B 20 7.13 0.39 6.25
CA ASN B 20 6.05 0.54 7.23
C ASN B 20 4.81 -0.23 6.75
N PRO B 21 4.21 -1.06 7.63
CA PRO B 21 3.03 -1.88 7.34
C PRO B 21 1.79 -1.21 6.74
N GLU B 22 1.58 0.08 7.00
CA GLU B 22 0.41 0.75 6.45
C GLU B 22 0.68 1.30 5.05
N ASN B 23 1.93 1.20 4.62
CA ASN B 23 2.29 1.66 3.28
C ASN B 23 1.86 0.60 2.28
N PRO B 24 1.06 0.99 1.29
CA PRO B 24 0.59 0.06 0.27
C PRO B 24 1.75 -0.34 -0.63
N ARG B 25 1.56 -1.38 -1.43
CA ARG B 25 2.58 -1.83 -2.36
C ARG B 25 2.70 -0.73 -3.41
N GLY B 26 3.94 -0.40 -3.79
CA GLY B 26 4.12 0.67 -4.77
C GLY B 26 4.43 2.02 -4.15
N THR B 27 4.56 2.07 -2.82
CA THR B 27 4.89 3.33 -2.14
C THR B 27 6.35 3.61 -2.50
N PHE B 28 6.68 4.86 -2.77
CA PHE B 28 8.03 5.15 -3.22
C PHE B 28 8.58 6.51 -2.85
N LEU B 29 9.84 6.68 -3.20
CA LEU B 29 10.57 7.93 -2.99
C LEU B 29 11.75 7.89 -3.96
N VAL B 30 12.27 9.07 -4.26
CA VAL B 30 13.44 9.22 -5.13
C VAL B 30 14.46 9.91 -4.25
N ARG B 31 15.71 9.45 -4.35
CA ARG B 31 16.81 9.98 -3.55
C ARG B 31 18.09 9.91 -4.37
N GLU B 32 19.17 10.43 -3.78
CA GLU B 32 20.49 10.37 -4.42
C GLU B 32 21.05 8.97 -4.14
N SER B 33 21.93 8.50 -5.02
CA SER B 33 22.56 7.19 -4.81
C SER B 33 23.78 7.40 -3.92
N GLU B 34 23.92 6.55 -2.89
CA GLU B 34 25.05 6.62 -1.96
C GLU B 34 26.33 6.03 -2.56
N THR B 35 26.17 4.96 -3.34
CA THR B 35 27.31 4.26 -3.94
C THR B 35 27.77 4.76 -5.30
N THR B 36 26.90 5.47 -6.00
CA THR B 36 27.23 6.01 -7.31
C THR B 36 26.94 7.51 -7.32
N LYS B 37 28.01 8.32 -7.30
CA LYS B 37 27.87 9.77 -7.30
C LYS B 37 27.33 10.25 -8.65
N GLY B 38 26.39 11.21 -8.60
CA GLY B 38 25.80 11.73 -9.83
C GLY B 38 24.54 10.99 -10.26
N ALA B 39 24.26 9.88 -9.59
CA ALA B 39 23.07 9.09 -9.92
C ALA B 39 22.01 9.21 -8.85
N TYR B 40 20.77 8.88 -9.21
CA TYR B 40 19.67 8.91 -8.26
C TYR B 40 19.14 7.51 -8.09
N CYS B 41 18.09 7.36 -7.30
CA CYS B 41 17.52 6.05 -7.04
C CYS B 41 16.02 6.14 -6.79
N LEU B 42 15.29 5.18 -7.33
CA LEU B 42 13.85 5.09 -7.12
C LEU B 42 13.66 3.89 -6.20
N SER B 43 13.31 4.15 -4.95
CA SER B 43 13.08 3.10 -3.96
C SER B 43 11.58 2.84 -3.88
N VAL B 44 11.19 1.59 -4.12
CA VAL B 44 9.79 1.21 -4.16
C VAL B 44 9.47 0.00 -3.26
N SER B 45 8.37 0.09 -2.51
CA SER B 45 7.99 -1.04 -1.67
C SER B 45 7.31 -2.09 -2.55
N ASP B 46 7.56 -3.36 -2.24
CA ASP B 46 7.00 -4.46 -3.02
C ASP B 46 6.64 -5.59 -2.04
N PHE B 47 6.10 -6.68 -2.58
CA PHE B 47 5.70 -7.81 -1.77
C PHE B 47 5.60 -9.09 -2.58
N ASP B 48 5.87 -10.20 -1.91
CA ASP B 48 5.73 -11.55 -2.45
C ASP B 48 5.62 -12.39 -1.18
N ASN B 49 5.01 -13.56 -1.27
CA ASN B 49 4.81 -14.42 -0.09
C ASN B 49 6.06 -14.85 0.68
N ALA B 50 7.18 -15.02 -0.03
CA ALA B 50 8.42 -15.46 0.60
C ALA B 50 9.22 -14.35 1.30
N LYS B 51 9.48 -13.25 0.59
CA LYS B 51 10.23 -12.13 1.16
C LYS B 51 9.38 -11.24 2.06
N GLY B 52 8.08 -11.23 1.81
CA GLY B 52 7.18 -10.37 2.56
C GLY B 52 7.35 -8.97 2.02
N LEU B 53 7.19 -7.95 2.87
CA LEU B 53 7.35 -6.58 2.43
C LEU B 53 8.85 -6.34 2.21
N ASN B 54 9.22 -5.90 1.01
CA ASN B 54 10.62 -5.65 0.70
C ASN B 54 10.75 -4.42 -0.21
N VAL B 55 11.95 -3.88 -0.30
CA VAL B 55 12.17 -2.71 -1.11
C VAL B 55 13.08 -2.96 -2.30
N LYS B 56 12.68 -2.46 -3.46
CA LYS B 56 13.47 -2.58 -4.68
C LYS B 56 14.09 -1.21 -4.90
N HIS B 57 15.39 -1.19 -5.20
CA HIS B 57 16.10 0.07 -5.45
C HIS B 57 16.58 0.09 -6.89
N TYR B 58 16.00 1.00 -7.68
CA TYR B 58 16.34 1.15 -9.08
C TYR B 58 17.25 2.36 -9.25
N LYS B 59 18.42 2.14 -9.82
CA LYS B 59 19.36 3.22 -10.04
C LYS B 59 18.90 4.08 -11.21
N ILE B 60 18.86 5.39 -10.98
CA ILE B 60 18.46 6.35 -11.99
C ILE B 60 19.73 7.05 -12.49
N ARG B 61 20.10 6.82 -13.74
CA ARG B 61 21.28 7.44 -14.29
C ARG B 61 20.92 8.71 -15.04
N LYS B 62 21.86 9.64 -15.10
CA LYS B 62 21.66 10.91 -15.78
C LYS B 62 22.76 11.08 -16.83
N LEU B 63 22.35 11.32 -18.07
CA LEU B 63 23.29 11.51 -19.17
C LEU B 63 23.78 12.96 -19.16
N ASP B 64 25.05 13.16 -19.50
CA ASP B 64 25.66 14.50 -19.52
C ASP B 64 24.97 15.48 -20.48
N SER B 65 24.47 14.94 -21.60
CA SER B 65 23.78 15.77 -22.58
C SER B 65 22.37 15.25 -22.82
N GLY B 66 21.86 14.47 -21.88
CA GLY B 66 20.53 13.91 -22.03
C GLY B 66 19.69 13.93 -20.78
N GLY B 67 18.72 13.02 -20.72
CA GLY B 67 17.84 12.96 -19.57
C GLY B 67 18.14 11.87 -18.55
N PHE B 68 17.09 11.42 -17.87
CA PHE B 68 17.17 10.40 -16.82
C PHE B 68 16.60 9.07 -17.27
N TYR B 69 17.10 7.98 -16.70
CA TYR B 69 16.61 6.65 -17.05
C TYR B 69 16.99 5.57 -16.04
N ILE B 70 16.21 4.49 -16.03
CA ILE B 70 16.48 3.34 -15.19
C ILE B 70 16.90 2.28 -16.20
N THR B 71 16.17 2.24 -17.32
CA THR B 71 16.50 1.33 -18.41
C THR B 71 16.75 2.25 -19.61
N SER B 72 17.83 1.98 -20.35
CA SER B 72 18.24 2.81 -21.50
C SER B 72 17.24 3.13 -22.60
N ARG B 73 16.27 2.24 -22.83
CA ARG B 73 15.26 2.46 -23.87
C ARG B 73 14.15 3.42 -23.47
N THR B 74 14.09 3.76 -22.18
CA THR B 74 13.07 4.66 -21.69
C THR B 74 13.72 5.79 -20.90
N GLN B 75 13.93 6.91 -21.59
CA GLN B 75 14.56 8.08 -21.00
C GLN B 75 13.55 9.21 -20.72
N PHE B 76 13.88 10.05 -19.76
CA PHE B 76 13.00 11.14 -19.37
C PHE B 76 13.74 12.46 -19.26
N SER B 77 13.05 13.57 -19.54
CA SER B 77 13.67 14.89 -19.46
C SER B 77 13.82 15.36 -18.01
N SER B 78 13.09 14.72 -17.10
CA SER B 78 13.16 15.08 -15.69
C SER B 78 12.81 13.90 -14.78
N LEU B 79 13.09 14.04 -13.50
CA LEU B 79 12.76 12.99 -12.53
C LEU B 79 11.24 12.94 -12.34
N GLN B 80 10.59 14.09 -12.42
CA GLN B 80 9.13 14.15 -12.29
C GLN B 80 8.45 13.39 -13.44
N GLN B 81 9.05 13.45 -14.63
CA GLN B 81 8.51 12.74 -15.80
C GLN B 81 8.70 11.24 -15.65
N LEU B 82 9.80 10.84 -15.00
CA LEU B 82 10.08 9.42 -14.75
C LEU B 82 9.07 8.88 -13.75
N VAL B 83 8.78 9.65 -12.71
CA VAL B 83 7.81 9.27 -11.69
C VAL B 83 6.41 9.18 -12.27
N ALA B 84 6.04 10.14 -13.13
CA ALA B 84 4.72 10.12 -13.76
C ALA B 84 4.56 8.88 -14.66
N TYR B 85 5.63 8.51 -15.34
CA TYR B 85 5.65 7.36 -16.24
C TYR B 85 5.40 6.05 -15.48
N TYR B 86 6.17 5.81 -14.42
CA TYR B 86 6.01 4.58 -13.66
C TYR B 86 4.80 4.53 -12.73
N SER B 87 4.11 5.68 -12.60
CA SER B 87 2.90 5.74 -11.80
C SER B 87 1.78 5.28 -12.75
N LYS B 88 1.93 5.57 -14.04
CA LYS B 88 0.92 5.18 -15.03
C LYS B 88 0.93 3.69 -15.38
N HIS B 89 2.13 3.12 -15.43
CA HIS B 89 2.33 1.72 -15.77
C HIS B 89 3.68 1.26 -15.27
N ALA B 90 3.74 0.03 -14.75
CA ALA B 90 4.98 -0.54 -14.24
C ALA B 90 6.01 -0.66 -15.36
N ASP B 91 5.57 -1.19 -16.50
CA ASP B 91 6.40 -1.38 -17.70
C ASP B 91 7.79 -2.00 -17.38
N GLY B 92 7.77 -3.07 -16.60
CA GLY B 92 9.02 -3.73 -16.24
C GLY B 92 9.42 -3.53 -14.80
N LEU B 93 8.84 -2.52 -14.14
CA LEU B 93 9.13 -2.23 -12.74
C LEU B 93 8.40 -3.28 -11.91
N CYS B 94 8.89 -3.56 -10.70
CA CYS B 94 8.28 -4.56 -9.82
C CYS B 94 6.81 -4.31 -9.53
N HIS B 95 6.45 -3.03 -9.45
CA HIS B 95 5.08 -2.62 -9.19
C HIS B 95 4.94 -1.17 -9.64
N ARG B 96 3.71 -0.78 -9.97
CA ARG B 96 3.41 0.59 -10.39
C ARG B 96 3.60 1.50 -9.17
N LEU B 97 4.00 2.75 -9.38
CA LEU B 97 4.16 3.69 -8.26
C LEU B 97 2.74 4.11 -7.90
N THR B 98 2.39 3.93 -6.62
CA THR B 98 1.03 4.20 -6.18
C THR B 98 0.87 5.26 -5.11
N ASN B 99 1.89 5.39 -4.27
CA ASN B 99 1.81 6.31 -3.15
C ASN B 99 3.17 6.91 -2.81
N VAL B 100 3.19 8.22 -2.56
CA VAL B 100 4.40 8.91 -2.17
C VAL B 100 4.68 8.52 -0.72
N CYS B 101 5.92 8.17 -0.41
CA CYS B 101 6.32 7.77 0.94
C CYS B 101 6.10 8.91 1.94
N PRO B 102 5.40 8.60 3.04
CA PRO B 102 5.10 9.56 4.11
C PRO B 102 6.29 9.98 4.96
N THR B 103 6.11 11.07 5.72
CA THR B 103 7.09 11.67 6.64
C THR B 103 8.48 11.97 6.06
N PRO C 1 23.40 -5.30 -1.35
CA PRO C 1 24.15 -4.12 -1.74
C PRO C 1 23.93 -3.97 -3.24
N GLN C 2 22.81 -4.53 -3.71
CA GLN C 2 22.47 -4.46 -5.14
C GLN C 2 21.27 -3.59 -5.52
N GLU C 4 18.05 -3.09 -8.35
CA GLU C 4 17.14 -3.88 -9.15
C GLU C 4 17.19 -3.41 -10.60
N ILE C 6 15.48 -3.51 -14.51
CA ILE C 6 14.23 -3.75 -15.21
C ILE C 6 14.63 -4.79 -16.26
N PRO C 7 13.89 -5.92 -16.33
CA PRO C 7 14.18 -6.98 -17.29
C PRO C 7 14.07 -6.56 -18.75
N ALA C 8 14.96 -7.10 -19.58
CA ALA C 8 15.05 -6.83 -21.02
C ALA C 8 16.01 -5.67 -21.31
#